data_3I24
#
_entry.id   3I24
#
_cell.length_a   43.433
_cell.length_b   69.312
_cell.length_c   49.077
_cell.angle_alpha   90.00
_cell.angle_beta   109.44
_cell.angle_gamma   90.00
#
_symmetry.space_group_name_H-M   'P 1 21 1'
#
loop_
_entity.id
_entity.type
_entity.pdbx_description
1 polymer 'HIT family hydrolase'
2 non-polymer 'SODIUM ION'
3 water water
#
_entity_poly.entity_id   1
_entity_poly.type   'polypeptide(L)'
_entity_poly.pdbx_seq_one_letter_code
;MAFQLHPRLQQDCIVLGNLPLCKVLLIKEDIGPWLILVPRIEELKEIHHMTDEQQIQFIKESSAVAQLLEDNFSPDKINI
GALGNLVPQLHIHHIARFTTDVAWPGPVWGNTTGVIRAQSSQTQLVDLLRDKLSNISGFKRLEHHHHHH
;
_entity_poly.pdbx_strand_id   A,B
#
# COMPACT_ATOMS: atom_id res chain seq x y z
N ALA A 2 9.15 19.44 15.54
CA ALA A 2 7.87 19.07 14.86
C ALA A 2 7.83 17.57 14.64
N PHE A 3 7.99 17.16 13.38
CA PHE A 3 7.99 15.76 13.01
C PHE A 3 9.21 15.04 13.58
N GLN A 4 8.99 13.83 14.09
CA GLN A 4 10.07 13.02 14.64
C GLN A 4 9.77 11.57 14.28
N LEU A 5 10.74 10.88 13.68
CA LEU A 5 10.54 9.49 13.30
C LEU A 5 10.14 8.68 14.53
N HIS A 6 9.10 7.87 14.37
CA HIS A 6 8.61 7.02 15.46
C HIS A 6 9.74 6.11 15.93
N PRO A 7 9.87 5.93 17.23
CA PRO A 7 10.94 5.11 17.79
C PRO A 7 11.02 3.69 17.26
N ARG A 8 9.88 3.08 16.98
CA ARG A 8 9.87 1.71 16.47
C ARG A 8 10.48 1.64 15.06
N LEU A 9 10.19 2.63 14.23
CA LEU A 9 10.74 2.64 12.88
C LEU A 9 12.24 2.93 12.94
N GLN A 10 12.65 3.78 13.88
CA GLN A 10 14.05 4.12 14.06
C GLN A 10 14.83 2.88 14.45
N GLN A 11 14.25 2.07 15.33
CA GLN A 11 14.90 0.86 15.79
C GLN A 11 14.98 -0.25 14.75
N ASP A 12 13.94 -0.40 13.95
CA ASP A 12 13.92 -1.46 12.94
C ASP A 12 14.58 -1.11 11.61
N CYS A 13 14.93 0.16 11.42
CA CYS A 13 15.52 0.58 10.14
C CYS A 13 16.77 1.40 10.22
N ILE A 14 17.35 1.60 9.04
CA ILE A 14 18.53 2.43 8.86
C ILE A 14 18.01 3.60 8.03
N VAL A 15 18.26 4.82 8.47
CA VAL A 15 17.80 5.98 7.73
C VAL A 15 18.75 6.20 6.57
N LEU A 16 18.19 6.20 5.35
CA LEU A 16 19.00 6.38 4.15
C LEU A 16 19.14 7.87 3.83
N GLY A 17 18.03 8.60 3.94
CA GLY A 17 18.08 10.02 3.64
C GLY A 17 16.69 10.60 3.53
N ASN A 18 16.60 11.86 3.13
CA ASN A 18 15.33 12.55 2.99
C ASN A 18 14.98 12.99 1.59
N LEU A 19 13.81 12.57 1.12
CA LEU A 19 13.33 13.06 -0.16
C LEU A 19 12.65 14.35 0.29
N PRO A 20 12.18 15.19 -0.64
CA PRO A 20 11.52 16.43 -0.20
C PRO A 20 10.44 16.24 0.87
N LEU A 21 9.62 15.21 0.70
CA LEU A 21 8.55 14.94 1.66
C LEU A 21 8.81 13.74 2.57
N CYS A 22 9.20 12.62 1.96
CA CYS A 22 9.42 11.40 2.72
C CYS A 22 10.83 11.03 3.13
N LYS A 23 10.97 10.61 4.38
CA LYS A 23 12.25 10.13 4.86
C LYS A 23 12.28 8.71 4.27
N VAL A 24 13.43 8.27 3.80
CA VAL A 24 13.55 6.94 3.21
C VAL A 24 14.35 6.03 4.13
N LEU A 25 13.75 4.90 4.51
CA LEU A 25 14.36 3.95 5.42
C LEU A 25 14.54 2.56 4.83
N LEU A 26 15.51 1.83 5.37
CA LEU A 26 15.78 0.46 4.96
C LEU A 26 15.54 -0.44 6.17
N ILE A 27 14.62 -1.39 6.02
CA ILE A 27 14.32 -2.36 7.08
C ILE A 27 15.58 -3.24 7.22
N LYS A 28 16.04 -3.43 8.46
CA LYS A 28 17.26 -4.21 8.71
C LYS A 28 17.15 -5.70 8.40
N GLU A 29 15.93 -6.23 8.36
CA GLU A 29 15.74 -7.64 8.08
C GLU A 29 16.32 -8.05 6.73
N ASP A 30 16.85 -9.27 6.69
CA ASP A 30 17.48 -9.81 5.48
C ASP A 30 16.48 -10.35 4.47
N ILE A 31 15.69 -9.43 3.90
CA ILE A 31 14.69 -9.79 2.90
C ILE A 31 14.39 -8.52 2.13
N GLY A 32 13.98 -8.64 0.86
CA GLY A 32 13.68 -7.45 0.09
C GLY A 32 14.65 -7.19 -1.04
N PRO A 33 15.28 -6.00 -1.11
CA PRO A 33 15.18 -4.88 -0.17
C PRO A 33 13.78 -4.41 0.19
N TRP A 34 13.63 -4.09 1.47
CA TRP A 34 12.38 -3.62 2.05
C TRP A 34 12.63 -2.18 2.51
N LEU A 35 12.04 -1.22 1.80
CA LEU A 35 12.19 0.18 2.13
C LEU A 35 10.89 0.72 2.70
N ILE A 36 10.98 1.82 3.43
CA ILE A 36 9.81 2.46 4.00
C ILE A 36 9.93 3.96 3.81
N LEU A 37 8.85 4.57 3.31
CA LEU A 37 8.80 6.01 3.12
C LEU A 37 7.94 6.59 4.23
N VAL A 38 8.45 7.61 4.89
CA VAL A 38 7.73 8.25 5.98
C VAL A 38 7.56 9.74 5.74
N PRO A 39 6.35 10.18 5.36
CA PRO A 39 6.14 11.62 5.11
C PRO A 39 6.51 12.37 6.40
N ARG A 40 7.39 13.36 6.28
CA ARG A 40 7.84 14.11 7.45
C ARG A 40 6.90 15.23 7.85
N ILE A 41 5.67 14.84 8.18
CA ILE A 41 4.64 15.77 8.59
C ILE A 41 3.92 15.11 9.75
N GLU A 42 3.63 15.88 10.80
CA GLU A 42 2.93 15.33 11.96
C GLU A 42 1.46 15.10 11.70
N GLU A 43 0.82 14.40 12.64
CA GLU A 43 -0.60 14.11 12.59
C GLU A 43 -1.05 13.16 11.50
N LEU A 44 -0.12 12.46 10.86
CA LEU A 44 -0.50 11.56 9.78
C LEU A 44 -0.55 10.10 10.19
N LYS A 45 -1.69 9.46 9.94
CA LYS A 45 -1.87 8.04 10.23
C LYS A 45 -2.31 7.33 8.96
N GLU A 46 -2.90 8.09 8.04
CA GLU A 46 -3.38 7.56 6.78
C GLU A 46 -2.97 8.47 5.63
N ILE A 47 -2.85 7.91 4.44
CA ILE A 47 -2.48 8.69 3.26
C ILE A 47 -3.45 9.85 3.00
N HIS A 48 -4.75 9.60 3.16
CA HIS A 48 -5.74 10.64 2.90
C HIS A 48 -5.71 11.79 3.90
N HIS A 49 -4.85 11.68 4.91
CA HIS A 49 -4.70 12.71 5.93
C HIS A 49 -3.85 13.84 5.35
N MET A 50 -3.05 13.53 4.35
CA MET A 50 -2.21 14.54 3.71
C MET A 50 -3.07 15.40 2.79
N THR A 51 -2.61 16.61 2.50
CA THR A 51 -3.33 17.50 1.61
C THR A 51 -3.21 16.94 0.20
N ASP A 52 -4.03 17.41 -0.73
CA ASP A 52 -3.96 16.90 -2.09
C ASP A 52 -2.57 17.10 -2.68
N GLU A 53 -1.97 18.26 -2.42
CA GLU A 53 -0.63 18.54 -2.94
C GLU A 53 0.41 17.60 -2.34
N GLN A 54 0.26 17.30 -1.06
CA GLN A 54 1.19 16.39 -0.39
C GLN A 54 1.02 14.98 -0.92
N GLN A 55 -0.22 14.59 -1.22
CA GLN A 55 -0.47 13.26 -1.76
C GLN A 55 0.18 13.08 -3.12
N ILE A 56 0.15 14.14 -3.92
CA ILE A 56 0.75 14.11 -5.24
C ILE A 56 2.27 13.97 -5.12
N GLN A 57 2.85 14.71 -4.18
CA GLN A 57 4.29 14.64 -3.96
C GLN A 57 4.65 13.25 -3.46
N PHE A 58 3.78 12.69 -2.63
CA PHE A 58 4.01 11.35 -2.09
C PHE A 58 4.02 10.28 -3.17
N ILE A 59 3.00 10.27 -4.01
CA ILE A 59 2.91 9.25 -5.04
C ILE A 59 4.08 9.35 -6.02
N LYS A 60 4.57 10.56 -6.25
CA LYS A 60 5.72 10.73 -7.15
C LYS A 60 6.98 10.15 -6.49
N GLU A 61 7.14 10.37 -5.19
CA GLU A 61 8.29 9.83 -4.47
C GLU A 61 8.18 8.32 -4.38
N SER A 62 6.98 7.82 -4.12
CA SER A 62 6.74 6.38 -4.04
C SER A 62 7.14 5.71 -5.35
N SER A 63 6.68 6.25 -6.46
CA SER A 63 7.00 5.67 -7.75
C SER A 63 8.48 5.77 -8.11
N ALA A 64 9.13 6.86 -7.71
CA ALA A 64 10.56 7.02 -8.00
C ALA A 64 11.34 5.95 -7.23
N VAL A 65 10.92 5.68 -6.00
CA VAL A 65 11.58 4.68 -5.18
C VAL A 65 11.27 3.28 -5.72
N ALA A 66 10.04 3.06 -6.17
CA ALA A 66 9.67 1.76 -6.73
C ALA A 66 10.46 1.51 -8.02
N GLN A 67 10.64 2.55 -8.83
CA GLN A 67 11.40 2.41 -10.06
C GLN A 67 12.87 2.09 -9.73
N LEU A 68 13.36 2.67 -8.65
CA LEU A 68 14.74 2.41 -8.22
C LEU A 68 14.87 0.94 -7.82
N LEU A 69 13.87 0.41 -7.12
CA LEU A 69 13.91 -0.99 -6.73
C LEU A 69 13.89 -1.89 -7.95
N GLU A 70 13.04 -1.54 -8.93
CA GLU A 70 12.92 -2.31 -10.15
C GLU A 70 14.23 -2.29 -10.94
N ASP A 71 14.83 -1.11 -11.09
CA ASP A 71 16.06 -1.00 -11.85
C ASP A 71 17.30 -1.60 -11.21
N ASN A 72 17.39 -1.57 -9.88
CA ASN A 72 18.57 -2.09 -9.22
C ASN A 72 18.50 -3.52 -8.68
N PHE A 73 17.29 -4.04 -8.48
CA PHE A 73 17.18 -5.39 -7.94
C PHE A 73 16.35 -6.33 -8.81
N SER A 74 15.73 -5.78 -9.85
CA SER A 74 14.92 -6.55 -10.78
C SER A 74 14.06 -7.61 -10.08
N PRO A 75 13.22 -7.18 -9.14
CA PRO A 75 12.36 -8.12 -8.41
C PRO A 75 11.28 -8.76 -9.31
N ASP A 76 10.76 -9.89 -8.87
CA ASP A 76 9.71 -10.54 -9.63
C ASP A 76 8.43 -9.73 -9.50
N LYS A 77 8.32 -8.98 -8.40
CA LYS A 77 7.16 -8.14 -8.16
C LYS A 77 7.46 -7.18 -7.03
N ILE A 78 6.84 -6.01 -7.07
CA ILE A 78 7.02 -5.03 -6.02
C ILE A 78 5.71 -4.97 -5.24
N ASN A 79 5.82 -4.84 -3.93
CA ASN A 79 4.66 -4.75 -3.05
C ASN A 79 4.72 -3.43 -2.31
N ILE A 80 3.59 -2.74 -2.26
CA ILE A 80 3.51 -1.46 -1.56
C ILE A 80 2.37 -1.54 -0.56
N GLY A 81 2.62 -1.08 0.66
CA GLY A 81 1.56 -1.13 1.66
C GLY A 81 1.66 -0.12 2.77
N ALA A 82 0.50 0.42 3.14
CA ALA A 82 0.38 1.36 4.23
C ALA A 82 -0.54 0.64 5.21
N LEU A 83 0.05 0.04 6.24
CA LEU A 83 -0.69 -0.72 7.23
C LEU A 83 -0.73 0.04 8.55
N GLY A 84 0.35 -0.06 9.33
CA GLY A 84 0.44 0.66 10.59
C GLY A 84 -0.53 0.31 11.71
N ASN A 85 -0.87 -0.96 11.84
CA ASN A 85 -1.79 -1.36 12.90
C ASN A 85 -1.19 -1.20 14.29
N LEU A 86 0.14 -1.30 14.39
CA LEU A 86 0.83 -1.15 15.67
C LEU A 86 1.57 0.18 15.80
N VAL A 87 2.01 0.72 14.65
CA VAL A 87 2.73 1.99 14.61
C VAL A 87 1.85 3.02 13.91
N PRO A 88 1.24 3.93 14.69
CA PRO A 88 0.36 4.99 14.17
C PRO A 88 0.95 5.94 13.13
N GLN A 89 2.24 6.24 13.24
CA GLN A 89 2.88 7.15 12.30
C GLN A 89 2.82 6.62 10.87
N LEU A 90 2.16 7.36 10.00
CA LEU A 90 2.01 6.98 8.60
C LEU A 90 3.36 6.62 7.96
N HIS A 91 3.48 5.40 7.44
CA HIS A 91 4.70 4.97 6.75
C HIS A 91 4.28 3.99 5.68
N ILE A 92 4.91 4.07 4.52
CA ILE A 92 4.55 3.21 3.40
C ILE A 92 5.66 2.26 2.97
N HIS A 93 5.38 0.97 3.10
CA HIS A 93 6.32 -0.08 2.73
C HIS A 93 6.46 -0.23 1.22
N HIS A 94 7.70 -0.39 0.77
CA HIS A 94 8.02 -0.59 -0.64
C HIS A 94 8.98 -1.78 -0.61
N ILE A 95 8.49 -2.94 -1.03
CA ILE A 95 9.29 -4.16 -0.97
C ILE A 95 9.53 -4.90 -2.27
N ALA A 96 10.78 -5.25 -2.51
CA ALA A 96 11.16 -6.00 -3.70
C ALA A 96 10.88 -7.47 -3.36
N ARG A 97 10.03 -8.13 -4.14
CA ARG A 97 9.68 -9.53 -3.91
C ARG A 97 10.30 -10.46 -4.94
N PHE A 98 10.59 -11.68 -4.50
CA PHE A 98 11.18 -12.70 -5.35
C PHE A 98 10.47 -14.03 -5.10
N THR A 99 10.27 -14.80 -6.17
CA THR A 99 9.59 -16.09 -6.07
C THR A 99 10.28 -17.02 -5.08
N THR A 100 11.56 -16.75 -4.83
CA THR A 100 12.33 -17.55 -3.90
C THR A 100 12.39 -17.00 -2.48
N ASP A 101 11.79 -15.84 -2.20
CA ASP A 101 11.88 -15.34 -0.83
C ASP A 101 10.98 -16.16 0.10
N VAL A 102 11.31 -16.17 1.38
CA VAL A 102 10.59 -16.97 2.37
C VAL A 102 9.09 -16.78 2.51
N ALA A 103 8.57 -15.66 2.04
CA ALA A 103 7.14 -15.39 2.17
C ALA A 103 6.32 -15.59 0.89
N TRP A 104 6.99 -15.67 -0.25
CA TRP A 104 6.28 -15.83 -1.52
C TRP A 104 5.37 -17.05 -1.55
N PRO A 105 4.15 -16.90 -2.11
CA PRO A 105 3.56 -15.69 -2.73
C PRO A 105 2.75 -14.79 -1.80
N GLY A 106 2.73 -15.13 -0.51
CA GLY A 106 1.98 -14.31 0.44
C GLY A 106 2.67 -13.02 0.80
N PRO A 107 2.09 -12.23 1.70
CA PRO A 107 2.68 -10.96 2.11
C PRO A 107 3.91 -11.18 2.98
N VAL A 108 4.82 -10.21 3.00
CA VAL A 108 6.03 -10.30 3.80
C VAL A 108 5.69 -10.12 5.27
N TRP A 109 4.81 -9.15 5.54
CA TRP A 109 4.43 -8.81 6.91
C TRP A 109 3.96 -9.99 7.74
N GLY A 110 4.67 -10.24 8.83
CA GLY A 110 4.34 -11.33 9.73
C GLY A 110 4.78 -12.69 9.25
N ASN A 111 5.43 -12.75 8.09
CA ASN A 111 5.87 -14.02 7.54
C ASN A 111 7.38 -14.16 7.31
N THR A 112 8.19 -13.41 8.06
CA THR A 112 9.64 -13.51 7.90
C THR A 112 10.26 -14.33 9.03
N THR A 113 11.55 -14.60 8.93
CA THR A 113 12.25 -15.36 9.97
C THR A 113 12.79 -14.41 11.04
N GLY A 114 12.68 -13.11 10.78
CA GLY A 114 13.14 -12.11 11.74
C GLY A 114 14.64 -11.85 11.70
N VAL A 115 15.37 -12.69 10.97
CA VAL A 115 16.82 -12.55 10.88
C VAL A 115 17.24 -11.29 10.14
N ILE A 116 18.19 -10.58 10.74
CA ILE A 116 18.72 -9.34 10.19
C ILE A 116 19.77 -9.63 9.13
N ARG A 117 19.85 -8.72 8.17
CA ARG A 117 20.80 -8.84 7.07
C ARG A 117 22.23 -8.87 7.59
N ALA A 118 23.08 -9.61 6.90
CA ALA A 118 24.48 -9.73 7.28
C ALA A 118 25.10 -8.33 7.41
N GLN A 119 25.95 -8.17 8.43
CA GLN A 119 26.59 -6.89 8.69
C GLN A 119 27.26 -6.30 7.44
N SER A 120 28.15 -7.06 6.81
CA SER A 120 28.85 -6.60 5.62
C SER A 120 27.88 -6.33 4.48
N SER A 121 26.83 -7.13 4.42
CA SER A 121 25.83 -6.99 3.39
C SER A 121 25.01 -5.72 3.63
N GLN A 122 24.79 -5.40 4.90
CA GLN A 122 24.00 -4.23 5.27
C GLN A 122 24.71 -2.94 4.86
N THR A 123 26.00 -2.83 5.18
CA THR A 123 26.76 -1.65 4.84
C THR A 123 26.82 -1.46 3.33
N GLN A 124 27.01 -2.56 2.60
CA GLN A 124 27.09 -2.51 1.16
C GLN A 124 25.78 -2.05 0.53
N LEU A 125 24.67 -2.60 1.01
CA LEU A 125 23.35 -2.25 0.51
C LEU A 125 22.98 -0.80 0.85
N VAL A 126 23.27 -0.39 2.08
CA VAL A 126 22.97 0.97 2.49
C VAL A 126 23.74 1.97 1.63
N ASP A 127 25.03 1.70 1.39
CA ASP A 127 25.83 2.60 0.57
C ASP A 127 25.35 2.66 -0.87
N LEU A 128 24.97 1.50 -1.41
CA LEU A 128 24.46 1.41 -2.77
C LEU A 128 23.15 2.20 -2.87
N LEU A 129 22.25 1.99 -1.91
CA LEU A 129 20.96 2.68 -1.90
C LEU A 129 21.10 4.19 -1.78
N ARG A 130 21.98 4.67 -0.90
CA ARG A 130 22.15 6.12 -0.77
C ARG A 130 22.63 6.73 -2.08
N ASP A 131 23.52 6.04 -2.78
CA ASP A 131 24.03 6.54 -4.06
C ASP A 131 22.92 6.56 -5.11
N LYS A 132 22.14 5.49 -5.21
CA LYS A 132 21.07 5.43 -6.19
C LYS A 132 19.93 6.38 -5.86
N LEU A 133 19.60 6.52 -4.59
CA LEU A 133 18.54 7.44 -4.19
C LEU A 133 18.94 8.87 -4.52
N SER A 134 20.24 9.13 -4.52
CA SER A 134 20.73 10.47 -4.82
C SER A 134 20.46 10.90 -6.26
N ASN A 135 20.07 9.95 -7.11
CA ASN A 135 19.74 10.28 -8.49
C ASN A 135 18.31 10.81 -8.58
N ILE A 136 17.54 10.65 -7.51
CA ILE A 136 16.16 11.13 -7.48
C ILE A 136 16.14 12.61 -7.08
N SER A 137 15.35 13.40 -7.79
CA SER A 137 15.25 14.83 -7.53
C SER A 137 14.90 15.14 -6.08
N GLY A 138 15.72 15.98 -5.44
CA GLY A 138 15.46 16.38 -4.07
C GLY A 138 15.96 15.45 -2.97
N PHE A 139 16.56 14.31 -3.33
CA PHE A 139 17.04 13.41 -2.29
C PHE A 139 18.29 13.97 -1.62
N LYS A 140 18.30 13.90 -0.30
CA LYS A 140 19.44 14.36 0.48
C LYS A 140 19.83 13.22 1.40
N ARG A 141 21.00 12.64 1.17
CA ARG A 141 21.46 11.52 1.98
C ARG A 141 21.73 11.93 3.42
N LEU A 142 21.52 10.98 4.33
CA LEU A 142 21.80 11.18 5.76
C LEU A 142 22.60 9.96 6.20
N GLU A 143 23.86 10.18 6.59
CA GLU A 143 24.72 9.07 6.98
C GLU A 143 24.93 8.92 8.49
N HIS A 144 24.29 9.78 9.27
CA HIS A 144 24.43 9.73 10.72
C HIS A 144 23.90 8.42 11.29
N PHE B 3 -10.06 -2.88 -21.71
CA PHE B 3 -9.89 -3.38 -20.32
C PHE B 3 -10.91 -4.44 -19.98
N GLN B 4 -10.49 -5.43 -19.19
CA GLN B 4 -11.36 -6.50 -18.75
C GLN B 4 -10.94 -6.90 -17.34
N LEU B 5 -11.89 -6.91 -16.41
CA LEU B 5 -11.58 -7.29 -15.04
C LEU B 5 -11.09 -8.73 -15.01
N HIS B 6 -10.01 -8.97 -14.27
CA HIS B 6 -9.43 -10.30 -14.17
C HIS B 6 -10.47 -11.26 -13.57
N PRO B 7 -10.56 -12.49 -14.10
CA PRO B 7 -11.52 -13.49 -13.63
C PRO B 7 -11.51 -13.76 -12.12
N ARG B 8 -10.33 -13.73 -11.52
CA ARG B 8 -10.21 -13.97 -10.08
C ARG B 8 -10.82 -12.84 -9.26
N LEU B 9 -10.60 -11.60 -9.70
CA LEU B 9 -11.17 -10.46 -9.00
C LEU B 9 -12.69 -10.46 -9.17
N GLN B 10 -13.14 -10.88 -10.35
CA GLN B 10 -14.56 -10.93 -10.64
C GLN B 10 -15.25 -11.98 -9.76
N GLN B 11 -14.61 -13.14 -9.62
CA GLN B 11 -15.17 -14.21 -8.81
C GLN B 11 -15.17 -13.90 -7.32
N ASP B 12 -14.16 -13.16 -6.85
CA ASP B 12 -14.07 -12.84 -5.44
C ASP B 12 -14.80 -11.58 -4.99
N CYS B 13 -15.24 -10.78 -5.94
CA CYS B 13 -15.90 -9.52 -5.59
C CYS B 13 -17.20 -9.20 -6.28
N ILE B 14 -17.81 -8.13 -5.79
CA ILE B 14 -19.03 -7.57 -6.34
C ILE B 14 -18.52 -6.25 -6.89
N VAL B 15 -18.86 -5.95 -8.13
CA VAL B 15 -18.44 -4.70 -8.73
C VAL B 15 -19.43 -3.64 -8.25
N LEU B 16 -18.95 -2.70 -7.44
CA LEU B 16 -19.82 -1.65 -6.93
C LEU B 16 -20.12 -0.62 -8.01
N GLY B 17 -19.10 -0.27 -8.78
CA GLY B 17 -19.27 0.70 -9.84
C GLY B 17 -17.93 1.20 -10.32
N ASN B 18 -17.96 2.26 -11.12
CA ASN B 18 -16.73 2.84 -11.68
C ASN B 18 -16.48 4.28 -11.26
N LEU B 19 -15.25 4.57 -10.88
CA LEU B 19 -14.85 5.93 -10.58
C LEU B 19 -14.23 6.33 -11.94
N PRO B 20 -13.85 7.59 -12.13
CA PRO B 20 -13.27 7.97 -13.42
C PRO B 20 -12.15 7.06 -13.94
N LEU B 21 -11.25 6.66 -13.06
CA LEU B 21 -10.14 5.78 -13.47
C LEU B 21 -10.29 4.35 -12.97
N CYS B 22 -10.61 4.21 -11.69
CA CYS B 22 -10.69 2.87 -11.09
C CYS B 22 -12.07 2.26 -10.93
N LYS B 23 -12.15 0.96 -11.16
CA LYS B 23 -13.37 0.23 -10.95
C LYS B 23 -13.29 -0.06 -9.45
N VAL B 24 -14.41 -0.01 -8.75
CA VAL B 24 -14.42 -0.23 -7.32
C VAL B 24 -15.13 -1.54 -7.00
N LEU B 25 -14.43 -2.42 -6.28
CA LEU B 25 -14.97 -3.73 -5.93
C LEU B 25 -15.10 -3.94 -4.43
N LEU B 26 -16.00 -4.84 -4.06
CA LEU B 26 -16.20 -5.23 -2.67
C LEU B 26 -15.89 -6.71 -2.56
N ILE B 27 -14.94 -7.05 -1.69
CA ILE B 27 -14.57 -8.46 -1.47
C ILE B 27 -15.76 -9.10 -0.77
N LYS B 28 -16.17 -10.28 -1.25
CA LYS B 28 -17.32 -10.96 -0.68
C LYS B 28 -17.11 -11.54 0.72
N GLU B 29 -15.87 -11.76 1.11
CA GLU B 29 -15.57 -12.29 2.43
C GLU B 29 -16.13 -11.38 3.51
N ASP B 30 -16.59 -12.00 4.60
CA ASP B 30 -17.18 -11.27 5.72
C ASP B 30 -16.12 -10.65 6.64
N ILE B 31 -15.43 -9.64 6.14
CA ILE B 31 -14.40 -8.95 6.91
C ILE B 31 -14.18 -7.60 6.25
N GLY B 32 -13.85 -6.58 7.05
CA GLY B 32 -13.61 -5.27 6.48
C GLY B 32 -14.65 -4.23 6.89
N PRO B 33 -15.36 -3.61 5.94
CA PRO B 33 -15.29 -3.77 4.48
C PRO B 33 -13.91 -3.77 3.84
N TRP B 34 -13.75 -4.65 2.87
CA TRP B 34 -12.52 -4.82 2.12
C TRP B 34 -12.85 -4.43 0.68
N LEU B 35 -12.36 -3.27 0.25
CA LEU B 35 -12.62 -2.78 -1.09
C LEU B 35 -11.36 -2.88 -1.92
N ILE B 36 -11.53 -2.86 -3.25
CA ILE B 36 -10.40 -2.95 -4.15
C ILE B 36 -10.60 -2.01 -5.32
N LEU B 37 -9.59 -1.21 -5.61
CA LEU B 37 -9.63 -0.28 -6.73
C LEU B 37 -8.78 -0.86 -7.85
N VAL B 38 -9.36 -0.93 -9.05
CA VAL B 38 -8.67 -1.48 -10.21
C VAL B 38 -8.62 -0.46 -11.35
N PRO B 39 -7.45 0.18 -11.56
CA PRO B 39 -7.33 1.16 -12.65
C PRO B 39 -7.71 0.48 -13.95
N ARG B 40 -8.63 1.08 -14.71
CA ARG B 40 -9.06 0.46 -15.96
C ARG B 40 -8.10 0.77 -17.11
N ILE B 41 -6.92 0.17 -17.00
CA ILE B 41 -5.84 0.31 -17.97
C ILE B 41 -5.37 -1.11 -18.24
N GLU B 42 -5.30 -1.48 -19.52
CA GLU B 42 -4.89 -2.82 -19.92
C GLU B 42 -3.44 -3.17 -19.57
N GLU B 43 -3.23 -4.43 -19.19
CA GLU B 43 -1.91 -4.95 -18.86
C GLU B 43 -1.08 -4.07 -17.92
N LEU B 44 -1.64 -3.73 -16.76
CA LEU B 44 -0.91 -2.90 -15.81
C LEU B 44 -0.43 -3.76 -14.64
N LYS B 45 0.87 -3.71 -14.36
CA LYS B 45 1.44 -4.52 -13.28
C LYS B 45 1.79 -3.76 -12.00
N GLU B 46 2.48 -2.63 -12.15
CA GLU B 46 2.87 -1.83 -10.99
C GLU B 46 2.30 -0.42 -11.03
N ILE B 47 2.10 0.17 -9.86
CA ILE B 47 1.58 1.52 -9.77
C ILE B 47 2.46 2.50 -10.54
N HIS B 48 3.77 2.37 -10.38
CA HIS B 48 4.69 3.28 -11.06
C HIS B 48 4.76 3.08 -12.57
N HIS B 49 4.03 2.09 -13.07
CA HIS B 49 3.98 1.84 -14.50
C HIS B 49 2.92 2.76 -15.12
N MET B 50 2.05 3.31 -14.27
CA MET B 50 1.03 4.26 -14.74
C MET B 50 1.78 5.56 -14.98
N THR B 51 1.21 6.45 -15.79
CA THR B 51 1.87 7.73 -16.03
C THR B 51 1.72 8.53 -14.75
N ASP B 52 2.52 9.57 -14.58
CA ASP B 52 2.43 10.38 -13.37
C ASP B 52 1.01 10.93 -13.18
N GLU B 53 0.38 11.33 -14.28
CA GLU B 53 -0.96 11.88 -14.23
C GLU B 53 -2.00 10.82 -13.84
N GLN B 54 -1.82 9.60 -14.33
CA GLN B 54 -2.75 8.53 -13.98
C GLN B 54 -2.59 8.25 -12.49
N GLN B 55 -1.35 8.32 -12.01
CA GLN B 55 -1.08 8.08 -10.60
C GLN B 55 -1.76 9.12 -9.73
N ILE B 56 -1.80 10.37 -10.21
CA ILE B 56 -2.45 11.44 -9.47
C ILE B 56 -3.95 11.18 -9.34
N GLN B 57 -4.59 10.78 -10.44
CA GLN B 57 -6.03 10.49 -10.41
C GLN B 57 -6.26 9.29 -9.49
N PHE B 58 -5.37 8.31 -9.54
CA PHE B 58 -5.50 7.13 -8.70
C PHE B 58 -5.46 7.48 -7.22
N ILE B 59 -4.47 8.28 -6.81
CA ILE B 59 -4.38 8.62 -5.39
C ILE B 59 -5.57 9.45 -4.92
N LYS B 60 -6.13 10.26 -5.82
CA LYS B 60 -7.29 11.05 -5.46
C LYS B 60 -8.46 10.11 -5.18
N GLU B 61 -8.64 9.12 -6.05
CA GLU B 61 -9.71 8.14 -5.89
C GLU B 61 -9.47 7.27 -4.66
N SER B 62 -8.21 6.89 -4.44
CA SER B 62 -7.82 6.08 -3.30
C SER B 62 -8.19 6.80 -2.00
N SER B 63 -7.80 8.07 -1.89
CA SER B 63 -8.09 8.82 -0.68
C SER B 63 -9.57 9.10 -0.47
N ALA B 64 -10.32 9.24 -1.57
CA ALA B 64 -11.76 9.45 -1.46
C ALA B 64 -12.42 8.20 -0.89
N VAL B 65 -11.98 7.04 -1.35
CA VAL B 65 -12.54 5.78 -0.87
C VAL B 65 -12.11 5.53 0.58
N ALA B 66 -10.88 5.88 0.92
CA ALA B 66 -10.39 5.69 2.27
C ALA B 66 -11.19 6.55 3.26
N GLN B 67 -11.48 7.78 2.88
CA GLN B 67 -12.27 8.67 3.72
C GLN B 67 -13.67 8.09 3.87
N LEU B 68 -14.17 7.46 2.81
CA LEU B 68 -15.49 6.85 2.86
C LEU B 68 -15.50 5.73 3.90
N LEU B 69 -14.44 4.93 3.94
CA LEU B 69 -14.38 3.85 4.91
C LEU B 69 -14.34 4.43 6.32
N GLU B 70 -13.60 5.53 6.48
CA GLU B 70 -13.48 6.17 7.79
C GLU B 70 -14.81 6.76 8.26
N ASP B 71 -15.54 7.39 7.35
CA ASP B 71 -16.81 8.01 7.70
C ASP B 71 -17.95 7.05 8.03
N ASN B 72 -17.94 5.87 7.40
CA ASN B 72 -19.02 4.92 7.60
C ASN B 72 -18.78 3.74 8.54
N PHE B 73 -17.54 3.32 8.70
CA PHE B 73 -17.28 2.16 9.53
C PHE B 73 -16.38 2.39 10.74
N SER B 74 -15.97 3.63 10.94
CA SER B 74 -15.11 4.02 12.05
C SER B 74 -14.11 2.91 12.40
N PRO B 75 -13.25 2.55 11.45
CA PRO B 75 -12.25 1.50 11.69
C PRO B 75 -11.17 1.97 12.65
N ASP B 76 -10.51 1.01 13.30
CA ASP B 76 -9.42 1.36 14.22
C ASP B 76 -8.23 1.78 13.36
N LYS B 77 -8.19 1.26 12.13
CA LYS B 77 -7.11 1.59 11.20
C LYS B 77 -7.51 1.17 9.80
N ILE B 78 -6.96 1.84 8.80
CA ILE B 78 -7.23 1.48 7.42
C ILE B 78 -5.93 0.94 6.86
N ASN B 79 -6.02 -0.11 6.04
CA ASN B 79 -4.84 -0.69 5.42
C ASN B 79 -4.98 -0.59 3.92
N ILE B 80 -3.92 -0.15 3.25
CA ILE B 80 -3.94 -0.04 1.80
C ILE B 80 -2.75 -0.84 1.28
N GLY B 81 -3.00 -1.66 0.27
CA GLY B 81 -1.91 -2.45 -0.26
C GLY B 81 -2.05 -2.87 -1.71
N ALA B 82 -0.90 -2.86 -2.39
CA ALA B 82 -0.83 -3.28 -3.78
C ALA B 82 0.22 -4.38 -3.78
N LEU B 83 -0.23 -5.63 -3.88
CA LEU B 83 0.69 -6.76 -3.89
C LEU B 83 0.74 -7.38 -5.29
N GLY B 84 -0.31 -8.11 -5.66
CA GLY B 84 -0.38 -8.70 -6.98
C GLY B 84 0.64 -9.77 -7.31
N ASN B 85 1.03 -10.57 -6.32
CA ASN B 85 2.00 -11.62 -6.59
C ASN B 85 1.41 -12.74 -7.45
N LEU B 86 0.12 -13.02 -7.26
CA LEU B 86 -0.57 -14.07 -8.02
C LEU B 86 -1.43 -13.51 -9.16
N VAL B 87 -2.32 -12.58 -8.85
CA VAL B 87 -3.18 -11.96 -9.86
C VAL B 87 -2.39 -10.79 -10.45
N PRO B 88 -2.02 -10.89 -11.74
CA PRO B 88 -1.26 -9.86 -12.44
C PRO B 88 -1.89 -8.49 -12.60
N GLN B 89 -3.20 -8.44 -12.77
CA GLN B 89 -3.90 -7.16 -12.94
C GLN B 89 -3.77 -6.24 -11.74
N LEU B 90 -3.16 -5.08 -11.93
CA LEU B 90 -2.99 -4.12 -10.85
C LEU B 90 -4.30 -3.81 -10.12
N HIS B 91 -4.29 -4.01 -8.81
CA HIS B 91 -5.46 -3.73 -7.98
C HIS B 91 -4.97 -3.32 -6.61
N ILE B 92 -5.61 -2.32 -6.03
CA ILE B 92 -5.18 -1.81 -4.74
C ILE B 92 -6.23 -2.01 -3.65
N HIS B 93 -5.87 -2.80 -2.65
CA HIS B 93 -6.74 -3.10 -1.52
C HIS B 93 -6.89 -1.90 -0.59
N HIS B 94 -8.12 -1.67 -0.14
CA HIS B 94 -8.44 -0.61 0.82
C HIS B 94 -9.31 -1.33 1.86
N ILE B 95 -8.75 -1.60 3.02
CA ILE B 95 -9.46 -2.36 4.05
C ILE B 95 -9.65 -1.68 5.41
N ALA B 96 -10.88 -1.75 5.92
CA ALA B 96 -11.16 -1.20 7.24
C ALA B 96 -10.72 -2.29 8.22
N ARG B 97 -9.89 -1.94 9.18
CA ARG B 97 -9.39 -2.89 10.16
C ARG B 97 -9.88 -2.60 11.56
N PHE B 98 -10.02 -3.64 12.37
CA PHE B 98 -10.48 -3.52 13.75
C PHE B 98 -9.63 -4.41 14.65
N THR B 99 -9.43 -3.98 15.90
CA THR B 99 -8.62 -4.75 16.84
C THR B 99 -9.30 -6.09 17.11
N THR B 100 -10.56 -6.19 16.72
CA THR B 100 -11.32 -7.43 16.93
C THR B 100 -11.41 -8.34 15.72
N ASP B 101 -10.87 -7.94 14.56
CA ASP B 101 -10.98 -8.83 13.41
C ASP B 101 -10.00 -10.01 13.51
N VAL B 102 -10.34 -11.09 12.81
CA VAL B 102 -9.55 -12.32 12.85
C VAL B 102 -8.06 -12.23 12.52
N ALA B 103 -7.64 -11.21 11.79
CA ALA B 103 -6.23 -11.08 11.41
C ALA B 103 -5.42 -10.08 12.22
N TRP B 104 -6.10 -9.24 12.99
CA TRP B 104 -5.42 -8.23 13.80
C TRP B 104 -4.39 -8.81 14.74
N PRO B 105 -3.21 -8.17 14.85
CA PRO B 105 -2.77 -6.95 14.17
C PRO B 105 -2.01 -7.18 12.85
N GLY B 106 -1.94 -8.43 12.42
CA GLY B 106 -1.23 -8.74 11.18
C GLY B 106 -2.01 -8.38 9.94
N PRO B 107 -1.46 -8.67 8.76
CA PRO B 107 -2.15 -8.35 7.49
C PRO B 107 -3.33 -9.29 7.28
N VAL B 108 -4.32 -8.83 6.54
CA VAL B 108 -5.51 -9.63 6.26
C VAL B 108 -5.17 -10.73 5.25
N TRP B 109 -4.32 -10.38 4.29
CA TRP B 109 -3.92 -11.29 3.23
C TRP B 109 -3.35 -12.62 3.72
N GLY B 110 -4.07 -13.69 3.42
CA GLY B 110 -3.66 -15.02 3.81
C GLY B 110 -3.96 -15.37 5.25
N ASN B 111 -4.69 -14.50 5.94
CA ASN B 111 -5.03 -14.72 7.34
C ASN B 111 -6.51 -14.60 7.66
N THR B 112 -7.36 -14.92 6.69
CA THR B 112 -8.81 -14.84 6.90
C THR B 112 -9.38 -16.23 7.13
N THR B 113 -10.64 -16.28 7.58
CA THR B 113 -11.31 -17.55 7.85
C THR B 113 -11.96 -18.08 6.57
N GLY B 114 -12.18 -17.20 5.60
CA GLY B 114 -12.79 -17.61 4.35
C GLY B 114 -14.30 -17.51 4.38
N VAL B 115 -14.86 -17.18 5.54
CA VAL B 115 -16.31 -17.05 5.69
C VAL B 115 -16.87 -15.96 4.77
N ILE B 116 -17.99 -16.26 4.14
CA ILE B 116 -18.63 -15.32 3.23
C ILE B 116 -19.74 -14.55 3.94
N ARG B 117 -19.92 -13.30 3.56
CA ARG B 117 -20.93 -12.44 4.14
C ARG B 117 -22.33 -12.94 3.78
N ALA B 118 -23.24 -12.91 4.76
CA ALA B 118 -24.62 -13.36 4.56
C ALA B 118 -25.32 -12.54 3.47
N GLN B 119 -26.22 -13.19 2.73
CA GLN B 119 -26.95 -12.54 1.65
C GLN B 119 -27.58 -11.20 2.02
N SER B 120 -28.39 -11.19 3.08
CA SER B 120 -29.06 -9.96 3.49
C SER B 120 -28.03 -8.89 3.87
N SER B 121 -26.96 -9.30 4.53
CA SER B 121 -25.91 -8.37 4.93
C SER B 121 -25.15 -7.83 3.71
N GLN B 122 -24.87 -8.72 2.76
CA GLN B 122 -24.16 -8.33 1.55
C GLN B 122 -24.96 -7.30 0.75
N THR B 123 -26.25 -7.55 0.56
CA THR B 123 -27.09 -6.62 -0.19
C THR B 123 -27.16 -5.25 0.46
N GLN B 124 -27.34 -5.23 1.78
CA GLN B 124 -27.42 -3.99 2.54
C GLN B 124 -26.13 -3.18 2.42
N LEU B 125 -24.99 -3.86 2.59
CA LEU B 125 -23.70 -3.20 2.50
C LEU B 125 -23.45 -2.63 1.10
N VAL B 126 -23.77 -3.42 0.08
CA VAL B 126 -23.57 -2.97 -1.30
C VAL B 126 -24.40 -1.73 -1.59
N ASP B 127 -25.65 -1.71 -1.15
CA ASP B 127 -26.52 -0.57 -1.37
C ASP B 127 -25.99 0.68 -0.66
N LEU B 128 -25.51 0.51 0.56
CA LEU B 128 -24.96 1.65 1.30
C LEU B 128 -23.70 2.14 0.61
N LEU B 129 -22.80 1.21 0.27
CA LEU B 129 -21.56 1.59 -0.39
C LEU B 129 -21.81 2.32 -1.71
N ARG B 130 -22.76 1.84 -2.50
CA ARG B 130 -23.06 2.50 -3.76
C ARG B 130 -23.61 3.91 -3.52
N ASP B 131 -24.40 4.06 -2.46
CA ASP B 131 -24.95 5.37 -2.14
C ASP B 131 -23.83 6.33 -1.77
N LYS B 132 -22.93 5.88 -0.89
CA LYS B 132 -21.83 6.74 -0.46
C LYS B 132 -20.83 7.00 -1.58
N LEU B 133 -20.61 6.01 -2.45
CA LEU B 133 -19.69 6.20 -3.56
C LEU B 133 -20.28 7.21 -4.54
N SER B 134 -21.60 7.26 -4.62
CA SER B 134 -22.26 8.18 -5.53
C SER B 134 -22.02 9.63 -5.11
N ASN B 135 -21.58 9.83 -3.87
CA ASN B 135 -21.31 11.18 -3.39
C ASN B 135 -19.90 11.61 -3.80
N ILE B 136 -19.17 10.69 -4.41
CA ILE B 136 -17.82 10.97 -4.89
C ILE B 136 -17.90 11.36 -6.36
N SER B 137 -17.28 12.48 -6.71
CA SER B 137 -17.30 12.98 -8.08
C SER B 137 -16.89 11.95 -9.14
N GLY B 138 -17.73 11.81 -10.15
CA GLY B 138 -17.44 10.89 -11.24
C GLY B 138 -17.88 9.44 -11.08
N PHE B 139 -18.41 9.07 -9.93
CA PHE B 139 -18.84 7.69 -9.74
C PHE B 139 -20.06 7.35 -10.60
N LYS B 140 -20.05 6.15 -11.17
CA LYS B 140 -21.15 5.66 -11.98
C LYS B 140 -21.39 4.20 -11.61
N ARG B 141 -22.63 3.86 -11.28
CA ARG B 141 -22.95 2.48 -10.90
C ARG B 141 -23.31 1.65 -12.12
#